data_8S4A
#
_entry.id   8S4A
#
_cell.length_a   41.700
_cell.length_b   64.460
_cell.length_c   128.690
_cell.angle_alpha   90.00
_cell.angle_beta   90.00
_cell.angle_gamma   90.00
#
_symmetry.space_group_name_H-M   'P 21 21 21'
#
loop_
_entity.id
_entity.type
_entity.pdbx_description
1 polymer 'Diadenylate cyclase'
2 non-polymer 2-[cyanomethyl(methyl)amino]-N-(6-methylpyridin-2-yl)ethanamide
3 non-polymer 'CHLORIDE ION'
4 water water
#
_entity_poly.entity_id   1
_entity_poly.type   'polypeptide(L)'
_entity_poly.pdbx_seq_one_letter_code
;GPLGSYGSRIEREQHHLIESIEKSTQYMAKRRIGALISVARDTGMDDYIETGIPLNAKISSQLLINIFIPNTPLHDGAVI
IKGNEIASAASYLPLSDSPFLSKELGTRHRAALGISEVTDSITIVVSEETGGISLTKGGELFRDVSEEELHKILLKELVT
VTAKKPSIFSKWKGGKSE
;
_entity_poly.pdbx_strand_id   A,B
#
# COMPACT_ATOMS: atom_id res chain seq x y z
N ILE A 10 -7.32 12.91 -18.60
CA ILE A 10 -7.96 12.75 -17.30
C ILE A 10 -9.16 11.82 -17.44
N GLU A 11 -9.75 11.80 -18.63
CA GLU A 11 -10.88 10.92 -18.89
C GLU A 11 -10.51 9.47 -18.62
N ARG A 12 -9.31 9.04 -19.05
CA ARG A 12 -8.87 7.67 -18.77
C ARG A 12 -8.57 7.46 -17.30
N GLU A 13 -8.12 8.50 -16.59
CA GLU A 13 -7.85 8.36 -15.16
C GLU A 13 -9.11 8.08 -14.37
N GLN A 14 -10.20 8.76 -14.70
CA GLN A 14 -11.47 8.52 -14.02
C GLN A 14 -11.96 7.10 -14.29
N HIS A 15 -11.86 6.64 -15.54
CA HIS A 15 -12.26 5.27 -15.85
C HIS A 15 -11.38 4.24 -15.15
N HIS A 16 -10.06 4.51 -15.09
CA HIS A 16 -9.20 3.64 -14.30
C HIS A 16 -9.55 3.71 -12.82
N LEU A 17 -9.95 4.89 -12.33
CA LEU A 17 -10.41 5.00 -10.96
C LEU A 17 -11.65 4.15 -10.73
N ILE A 18 -12.64 4.25 -11.63
CA ILE A 18 -13.84 3.44 -11.54
C ILE A 18 -13.49 1.95 -11.48
N GLU A 19 -12.68 1.50 -12.45
CA GLU A 19 -12.33 0.08 -12.53
C GLU A 19 -11.59 -0.38 -11.29
N SER A 20 -10.70 0.47 -10.76
CA SER A 20 -9.97 0.14 -9.54
C SER A 20 -10.92 -0.05 -8.37
N ILE A 21 -11.85 0.90 -8.17
CA ILE A 21 -12.84 0.77 -7.11
C ILE A 21 -13.64 -0.52 -7.30
N GLU A 22 -14.10 -0.77 -8.53
CA GLU A 22 -14.95 -1.92 -8.79
C GLU A 22 -14.22 -3.23 -8.47
N LYS A 23 -12.98 -3.36 -8.93
CA LYS A 23 -12.23 -4.60 -8.70
C LYS A 23 -11.91 -4.77 -7.22
N SER A 24 -11.43 -3.71 -6.57
CA SER A 24 -11.10 -3.80 -5.15
C SER A 24 -12.34 -4.11 -4.32
N THR A 25 -13.43 -3.36 -4.55
CA THR A 25 -14.65 -3.60 -3.77
C THR A 25 -15.20 -4.99 -4.01
N GLN A 26 -15.23 -5.45 -5.26
CA GLN A 26 -15.70 -6.80 -5.53
C GLN A 26 -14.82 -7.84 -4.88
N TYR A 27 -13.50 -7.62 -4.86
CA TYR A 27 -12.59 -8.51 -4.17
C TYR A 27 -12.87 -8.52 -2.68
N MET A 28 -12.99 -7.34 -2.07
CA MET A 28 -13.20 -7.26 -0.63
C MET A 28 -14.60 -7.70 -0.24
N ALA A 29 -15.58 -7.53 -1.14
CA ALA A 29 -16.95 -7.93 -0.81
C ALA A 29 -17.09 -9.45 -0.75
N LYS A 30 -16.44 -10.17 -1.66
CA LYS A 30 -16.46 -11.63 -1.60
C LYS A 30 -15.84 -12.14 -0.31
N ARG A 31 -14.83 -11.43 0.20
CA ARG A 31 -14.09 -11.84 1.38
C ARG A 31 -14.59 -11.15 2.64
N ARG A 32 -15.67 -10.36 2.54
CA ARG A 32 -16.21 -9.61 3.68
C ARG A 32 -15.11 -8.82 4.40
N ILE A 33 -14.25 -8.19 3.61
CA ILE A 33 -13.24 -7.28 4.11
C ILE A 33 -13.85 -5.89 4.15
N GLY A 34 -13.98 -5.34 5.35
CA GLY A 34 -14.51 -4.00 5.50
C GLY A 34 -13.66 -2.95 4.80
N ALA A 35 -14.32 -2.06 4.05
CA ALA A 35 -13.59 -1.04 3.30
C ALA A 35 -14.39 0.24 3.26
N LEU A 36 -13.67 1.35 3.11
CA LEU A 36 -14.29 2.67 3.12
C LEU A 36 -13.40 3.56 2.26
N ILE A 37 -13.87 3.86 1.05
CA ILE A 37 -13.12 4.64 0.07
C ILE A 37 -13.92 5.90 -0.21
N SER A 38 -13.28 7.05 -0.01
CA SER A 38 -13.93 8.35 -0.23
C SER A 38 -13.20 9.08 -1.34
N VAL A 39 -13.87 9.32 -2.44
CA VAL A 39 -13.30 10.04 -3.58
C VAL A 39 -13.71 11.50 -3.48
N ALA A 40 -12.72 12.37 -3.32
CA ALA A 40 -12.97 13.80 -3.28
C ALA A 40 -13.35 14.31 -4.65
N ARG A 41 -14.11 15.42 -4.67
CA ARG A 41 -14.47 16.06 -5.93
C ARG A 41 -14.21 17.56 -5.87
N ASP A 42 -15.25 18.37 -6.07
CA ASP A 42 -15.04 19.82 -6.14
C ASP A 42 -14.66 20.39 -4.78
N THR A 43 -15.21 19.84 -3.69
CA THR A 43 -14.92 20.31 -2.35
C THR A 43 -13.69 19.59 -1.80
N GLY A 44 -12.74 20.36 -1.26
CA GLY A 44 -11.54 19.76 -0.73
C GLY A 44 -11.81 18.92 0.50
N MET A 45 -11.09 17.82 0.62
CA MET A 45 -11.10 16.95 1.80
C MET A 45 -9.74 16.91 2.47
N ASP A 46 -8.94 17.97 2.28
CA ASP A 46 -7.57 17.96 2.77
C ASP A 46 -7.50 17.78 4.29
N ASP A 47 -8.45 18.36 5.03
CA ASP A 47 -8.45 18.24 6.47
C ASP A 47 -8.50 16.78 6.91
N TYR A 48 -9.24 15.94 6.18
CA TYR A 48 -9.35 14.54 6.55
C TYR A 48 -8.25 13.69 5.94
N ILE A 49 -7.73 14.09 4.77
CA ILE A 49 -6.49 13.50 4.27
C ILE A 49 -5.40 13.60 5.33
N GLU A 50 -5.28 14.76 5.96
CA GLU A 50 -4.26 15.01 6.98
C GLU A 50 -4.45 14.18 8.24
N THR A 51 -5.62 13.57 8.45
CA THR A 51 -5.83 12.72 9.61
C THR A 51 -5.28 11.31 9.40
N GLY A 52 -5.05 10.90 8.17
CA GLY A 52 -4.58 9.56 7.87
C GLY A 52 -3.08 9.48 7.76
N ILE A 53 -2.64 8.36 7.17
CA ILE A 53 -1.24 8.13 6.85
C ILE A 53 -1.06 8.49 5.37
N PRO A 54 -0.20 9.45 5.04
CA PRO A 54 -0.07 9.85 3.63
C PRO A 54 0.54 8.74 2.78
N LEU A 55 -0.08 8.52 1.62
CA LEU A 55 0.41 7.59 0.61
C LEU A 55 0.76 8.27 -0.69
N ASN A 56 -0.06 9.22 -1.14
CA ASN A 56 0.15 9.93 -2.41
C ASN A 56 0.48 8.96 -3.53
N ALA A 57 -0.26 7.86 -3.58
CA ALA A 57 0.11 6.71 -4.39
C ALA A 57 -0.75 6.61 -5.63
N LYS A 58 -0.18 6.01 -6.68
CA LYS A 58 -0.94 5.71 -7.88
C LYS A 58 -2.13 4.83 -7.52
N ILE A 59 -3.26 5.11 -8.16
CA ILE A 59 -4.49 4.36 -7.92
C ILE A 59 -4.38 2.99 -8.59
N SER A 60 -4.70 1.94 -7.84
CA SER A 60 -4.76 0.59 -8.39
C SER A 60 -5.64 -0.25 -7.48
N SER A 61 -6.34 -1.23 -8.09
CA SER A 61 -7.14 -2.14 -7.29
C SER A 61 -6.27 -2.91 -6.30
N GLN A 62 -5.06 -3.27 -6.72
CA GLN A 62 -4.17 -4.05 -5.87
C GLN A 62 -3.83 -3.29 -4.59
N LEU A 63 -3.47 -2.01 -4.73
CA LEU A 63 -3.12 -1.22 -3.54
C LEU A 63 -4.35 -1.02 -2.65
N LEU A 64 -5.51 -0.71 -3.25
CA LEU A 64 -6.73 -0.56 -2.46
C LEU A 64 -6.99 -1.79 -1.60
N ILE A 65 -6.86 -2.98 -2.19
CA ILE A 65 -7.06 -4.21 -1.45
C ILE A 65 -6.05 -4.33 -0.31
N ASN A 66 -4.76 -4.21 -0.62
CA ASN A 66 -3.71 -4.36 0.39
C ASN A 66 -3.91 -3.40 1.55
N ILE A 67 -4.42 -2.19 1.29
CA ILE A 67 -4.65 -1.23 2.35
C ILE A 67 -5.66 -1.75 3.36
N PHE A 68 -6.72 -2.40 2.88
CA PHE A 68 -7.85 -2.75 3.73
C PHE A 68 -7.75 -4.14 4.34
N ILE A 69 -6.65 -4.85 4.13
CA ILE A 69 -6.49 -6.15 4.78
C ILE A 69 -6.63 -5.97 6.29
N PRO A 70 -7.50 -6.73 6.96
CA PRO A 70 -7.75 -6.48 8.39
C PRO A 70 -6.47 -6.56 9.22
N ASN A 71 -6.46 -5.80 10.31
CA ASN A 71 -5.40 -5.81 11.31
C ASN A 71 -4.05 -5.36 10.75
N THR A 72 -4.06 -4.61 9.66
CA THR A 72 -2.85 -4.03 9.10
C THR A 72 -2.79 -2.53 9.40
N PRO A 73 -1.59 -1.96 9.41
CA PRO A 73 -1.46 -0.53 9.78
C PRO A 73 -2.31 0.42 8.97
N LEU A 74 -2.76 0.04 7.77
CA LEU A 74 -3.47 0.97 6.90
C LEU A 74 -4.98 0.75 6.85
N HIS A 75 -5.51 -0.26 7.54
CA HIS A 75 -6.90 -0.65 7.36
C HIS A 75 -7.87 0.13 8.24
N ASP A 76 -7.41 0.65 9.38
CA ASP A 76 -8.31 1.24 10.38
C ASP A 76 -8.63 2.68 9.99
N GLY A 77 -9.57 2.83 9.07
CA GLY A 77 -10.04 4.14 8.68
C GLY A 77 -10.43 4.18 7.22
N ALA A 78 -10.43 5.39 6.68
CA ALA A 78 -10.89 5.65 5.32
C ALA A 78 -9.71 5.92 4.41
N VAL A 79 -9.81 5.40 3.19
CA VAL A 79 -8.94 5.81 2.11
C VAL A 79 -9.58 7.01 1.42
N ILE A 80 -8.81 8.07 1.22
CA ILE A 80 -9.28 9.25 0.52
C ILE A 80 -8.49 9.38 -0.79
N ILE A 81 -9.23 9.45 -1.90
CA ILE A 81 -8.64 9.62 -3.22
C ILE A 81 -8.86 11.06 -3.65
N LYS A 82 -7.77 11.76 -3.95
CA LYS A 82 -7.83 13.14 -4.40
C LYS A 82 -7.06 13.25 -5.71
N GLY A 83 -7.72 13.83 -6.72
CA GLY A 83 -7.12 13.86 -8.04
C GLY A 83 -6.88 12.44 -8.54
N ASN A 84 -5.66 12.21 -9.02
CA ASN A 84 -5.28 10.91 -9.55
C ASN A 84 -4.42 10.12 -8.56
N GLU A 85 -4.58 10.37 -7.26
CA GLU A 85 -3.77 9.73 -6.25
C GLU A 85 -4.64 9.17 -5.12
N ILE A 86 -4.26 8.00 -4.63
CA ILE A 86 -4.70 7.61 -3.29
C ILE A 86 -3.93 8.51 -2.34
N ALA A 87 -4.61 9.55 -1.83
CA ALA A 87 -3.91 10.54 -1.01
C ALA A 87 -3.51 9.99 0.35
N SER A 88 -4.40 9.24 1.01
CA SER A 88 -4.12 8.76 2.35
C SER A 88 -4.92 7.51 2.62
N ALA A 89 -4.49 6.76 3.63
CA ALA A 89 -5.25 5.65 4.19
C ALA A 89 -5.38 5.87 5.69
N ALA A 90 -6.33 5.14 6.29
CA ALA A 90 -6.61 5.24 7.72
C ALA A 90 -6.98 6.66 8.14
N SER A 91 -7.57 7.42 7.23
CA SER A 91 -8.11 8.72 7.59
C SER A 91 -9.41 8.57 8.38
N TYR A 92 -9.68 9.55 9.22
CA TYR A 92 -10.98 9.61 9.88
C TYR A 92 -11.90 10.51 9.08
N LEU A 93 -13.18 10.17 9.08
CA LEU A 93 -14.24 10.94 8.46
C LEU A 93 -15.24 11.37 9.52
N PRO A 94 -15.97 12.47 9.31
CA PRO A 94 -17.03 12.82 10.25
C PRO A 94 -18.11 11.75 10.29
N LEU A 95 -18.60 11.46 11.48
CA LEU A 95 -19.71 10.54 11.66
C LEU A 95 -21.02 11.30 11.60
N SER A 96 -21.96 10.79 10.83
CA SER A 96 -23.28 11.41 10.75
C SER A 96 -24.05 11.21 12.04
N ASP A 97 -24.85 12.22 12.41
CA ASP A 97 -25.73 12.12 13.57
C ASP A 97 -27.13 11.67 13.19
N SER A 98 -27.35 11.27 11.95
CA SER A 98 -28.70 10.98 11.46
C SER A 98 -29.29 9.78 12.19
N PRO A 99 -30.46 9.92 12.82
CA PRO A 99 -31.16 8.73 13.34
C PRO A 99 -31.86 7.92 12.26
N PHE A 100 -31.90 8.41 11.02
CA PHE A 100 -32.55 7.68 9.95
C PHE A 100 -31.72 6.48 9.49
N LEU A 101 -30.40 6.55 9.65
CA LEU A 101 -29.52 5.46 9.23
C LEU A 101 -29.74 4.25 10.12
N SER A 102 -29.89 3.07 9.49
CA SER A 102 -30.19 1.84 10.21
C SER A 102 -29.12 1.54 11.25
N LYS A 103 -29.56 1.01 12.40
CA LYS A 103 -28.61 0.59 13.43
C LYS A 103 -27.85 -0.67 13.04
N GLU A 104 -28.34 -1.41 12.03
CA GLU A 104 -27.62 -2.59 11.55
C GLU A 104 -26.33 -2.22 10.83
N LEU A 105 -26.23 -0.98 10.37
CA LEU A 105 -25.02 -0.49 9.71
C LEU A 105 -24.03 0.05 10.74
N GLY A 106 -22.75 -0.19 10.49
CA GLY A 106 -21.69 0.17 11.42
C GLY A 106 -21.14 1.56 11.15
N THR A 107 -20.01 1.83 11.79
CA THR A 107 -19.42 3.17 11.74
C THR A 107 -18.86 3.51 10.37
N ARG A 108 -18.53 2.50 9.55
CA ARG A 108 -18.10 2.80 8.18
C ARG A 108 -19.21 3.51 7.41
N HIS A 109 -20.43 3.00 7.53
CA HIS A 109 -21.54 3.66 6.86
C HIS A 109 -21.82 5.02 7.47
N ARG A 110 -21.70 5.13 8.80
CA ARG A 110 -21.92 6.43 9.44
C ARG A 110 -20.85 7.44 9.03
N ALA A 111 -19.60 7.00 8.95
CA ALA A 111 -18.54 7.88 8.42
C ALA A 111 -18.82 8.25 6.98
N ALA A 112 -19.22 7.27 6.16
CA ALA A 112 -19.52 7.53 4.76
C ALA A 112 -20.70 8.50 4.63
N LEU A 113 -21.73 8.33 5.46
CA LEU A 113 -22.83 9.29 5.46
C LEU A 113 -22.37 10.65 5.95
N GLY A 114 -21.56 10.68 7.01
CA GLY A 114 -21.11 11.95 7.57
C GLY A 114 -20.39 12.81 6.54
N ILE A 115 -19.38 12.26 5.87
CA ILE A 115 -18.62 13.04 4.91
C ILE A 115 -19.49 13.49 3.75
N SER A 116 -20.46 12.66 3.36
CA SER A 116 -21.35 13.00 2.25
C SER A 116 -22.27 14.17 2.59
N GLU A 117 -22.43 14.49 3.88
CA GLU A 117 -23.30 15.60 4.25
C GLU A 117 -22.59 16.94 4.15
N VAL A 118 -21.26 16.95 4.27
CA VAL A 118 -20.50 18.19 4.28
C VAL A 118 -19.57 18.33 3.09
N THR A 119 -19.47 17.31 2.23
CA THR A 119 -18.77 17.44 0.96
C THR A 119 -19.65 16.88 -0.15
N ASP A 120 -19.29 17.21 -1.38
CA ASP A 120 -19.90 16.57 -2.54
C ASP A 120 -19.14 15.31 -2.96
N SER A 121 -18.38 14.72 -2.05
CA SER A 121 -17.56 13.57 -2.39
C SER A 121 -18.42 12.32 -2.53
N ILE A 122 -17.94 11.38 -3.34
CA ILE A 122 -18.53 10.06 -3.50
C ILE A 122 -17.77 9.10 -2.61
N THR A 123 -18.49 8.34 -1.80
CA THR A 123 -17.86 7.44 -0.83
C THR A 123 -18.45 6.05 -0.97
N ILE A 124 -17.58 5.05 -1.03
CA ILE A 124 -17.97 3.66 -1.25
C ILE A 124 -17.60 2.86 -0.01
N VAL A 125 -18.52 2.02 0.45
CA VAL A 125 -18.33 1.20 1.64
C VAL A 125 -18.49 -0.25 1.27
N VAL A 126 -17.68 -1.11 1.89
CA VAL A 126 -17.89 -2.56 1.85
C VAL A 126 -18.14 -3.01 3.28
N SER A 127 -19.32 -3.56 3.53
CA SER A 127 -19.66 -4.02 4.86
C SER A 127 -18.86 -5.27 5.20
N GLU A 128 -18.12 -5.24 6.31
CA GLU A 128 -17.45 -6.47 6.74
C GLU A 128 -18.44 -7.48 7.30
N GLU A 129 -19.66 -7.05 7.61
CA GLU A 129 -20.67 -7.96 8.14
C GLU A 129 -21.34 -8.75 7.03
N THR A 130 -21.73 -8.06 5.94
CA THR A 130 -22.53 -8.66 4.89
C THR A 130 -21.80 -8.79 3.57
N GLY A 131 -20.70 -8.07 3.37
CA GLY A 131 -20.10 -7.96 2.05
C GLY A 131 -20.84 -7.02 1.13
N GLY A 132 -21.93 -6.42 1.57
CA GLY A 132 -22.67 -5.51 0.71
C GLY A 132 -21.89 -4.24 0.44
N ILE A 133 -21.94 -3.78 -0.80
CA ILE A 133 -21.30 -2.54 -1.21
C ILE A 133 -22.33 -1.42 -1.12
N SER A 134 -22.03 -0.39 -0.35
CA SER A 134 -22.91 0.76 -0.23
C SER A 134 -22.15 2.01 -0.69
N LEU A 135 -22.92 3.05 -0.99
CA LEU A 135 -22.37 4.29 -1.52
C LEU A 135 -23.11 5.47 -0.90
N THR A 136 -22.38 6.55 -0.61
CA THR A 136 -23.02 7.76 -0.11
C THR A 136 -22.66 8.95 -0.98
N LYS A 137 -23.61 9.87 -1.10
CA LYS A 137 -23.47 11.07 -1.90
C LYS A 137 -24.52 12.07 -1.43
N GLY A 138 -24.09 13.30 -1.15
CA GLY A 138 -25.00 14.37 -0.78
C GLY A 138 -25.95 14.04 0.35
N GLY A 139 -25.47 13.31 1.36
CA GLY A 139 -26.30 13.04 2.52
C GLY A 139 -27.21 11.84 2.38
N GLU A 140 -27.14 11.10 1.28
CA GLU A 140 -28.01 9.96 1.04
C GLU A 140 -27.18 8.68 0.90
N LEU A 141 -27.84 7.55 1.15
CA LEU A 141 -27.18 6.24 1.20
C LEU A 141 -27.82 5.31 0.18
N PHE A 142 -27.02 4.85 -0.79
CA PHE A 142 -27.41 3.76 -1.69
C PHE A 142 -26.88 2.47 -1.08
N ARG A 143 -27.75 1.72 -0.40
CA ARG A 143 -27.32 0.57 0.37
C ARG A 143 -27.37 -0.72 -0.46
N ASP A 144 -26.31 -1.52 -0.33
CA ASP A 144 -26.21 -2.85 -0.93
C ASP A 144 -26.50 -2.82 -2.43
N VAL A 145 -25.69 -2.06 -3.15
CA VAL A 145 -25.88 -1.92 -4.60
C VAL A 145 -25.29 -3.12 -5.31
N SER A 146 -25.93 -3.49 -6.42
CA SER A 146 -25.39 -4.51 -7.29
C SER A 146 -24.18 -3.97 -8.06
N GLU A 147 -23.47 -4.87 -8.73
CA GLU A 147 -22.35 -4.46 -9.57
C GLU A 147 -22.82 -3.50 -10.65
N GLU A 148 -23.96 -3.81 -11.27
CA GLU A 148 -24.51 -2.93 -12.31
C GLU A 148 -24.82 -1.55 -11.74
N GLU A 149 -25.51 -1.51 -10.59
CA GLU A 149 -25.85 -0.23 -9.97
C GLU A 149 -24.59 0.55 -9.59
N LEU A 150 -23.62 -0.13 -9.01
CA LEU A 150 -22.37 0.54 -8.64
C LEU A 150 -21.68 1.12 -9.87
N HIS A 151 -21.64 0.35 -10.95
CA HIS A 151 -20.93 0.80 -12.16
C HIS A 151 -21.61 2.02 -12.77
N LYS A 152 -22.95 2.06 -12.73
CA LYS A 152 -23.66 3.20 -13.30
C LYS A 152 -23.46 4.45 -12.44
N ILE A 153 -23.52 4.30 -11.13
CA ILE A 153 -23.35 5.45 -10.23
C ILE A 153 -21.94 6.01 -10.34
N LEU A 154 -20.94 5.13 -10.37
CA LEU A 154 -19.55 5.58 -10.50
C LEU A 154 -19.32 6.24 -11.84
N LEU A 155 -19.88 5.67 -12.91
CA LEU A 155 -19.78 6.28 -14.22
C LEU A 155 -20.39 7.69 -14.22
N LYS A 156 -21.61 7.80 -13.68
CA LYS A 156 -22.29 9.09 -13.63
C LYS A 156 -21.50 10.10 -12.81
N GLU A 157 -21.14 9.74 -11.56
CA GLU A 157 -20.62 10.72 -10.63
C GLU A 157 -19.14 11.03 -10.85
N LEU A 158 -18.34 10.07 -11.30
CA LEU A 158 -16.91 10.29 -11.39
C LEU A 158 -16.43 10.68 -12.78
N VAL A 159 -17.16 10.36 -13.85
CA VAL A 159 -16.77 10.73 -15.20
C VAL A 159 -17.46 12.05 -15.52
N THR A 160 -16.71 13.14 -15.41
CA THR A 160 -17.24 14.49 -15.64
C THR A 160 -16.38 15.26 -16.64
N ILE B 10 17.52 15.89 0.73
CA ILE B 10 17.60 14.46 0.42
C ILE B 10 18.10 13.68 1.62
N GLU B 11 19.11 14.21 2.31
CA GLU B 11 19.61 13.57 3.52
C GLU B 11 18.52 13.44 4.57
N ARG B 12 17.55 14.35 4.56
CA ARG B 12 16.39 14.23 5.44
C ARG B 12 15.56 12.99 5.07
N GLU B 13 15.30 12.80 3.77
CA GLU B 13 14.53 11.65 3.33
C GLU B 13 15.27 10.33 3.55
N GLN B 14 16.61 10.37 3.49
CA GLN B 14 17.37 9.14 3.68
C GLN B 14 17.26 8.61 5.11
N HIS B 15 17.25 9.51 6.10
CA HIS B 15 17.06 9.07 7.48
C HIS B 15 15.68 8.47 7.68
N HIS B 16 14.65 9.12 7.13
CA HIS B 16 13.30 8.55 7.19
C HIS B 16 13.22 7.20 6.48
N LEU B 17 13.91 7.07 5.33
CA LEU B 17 13.92 5.81 4.62
C LEU B 17 14.50 4.69 5.49
N ILE B 18 15.63 4.95 6.15
CA ILE B 18 16.23 3.97 7.04
C ILE B 18 15.24 3.56 8.12
N GLU B 19 14.60 4.55 8.76
CA GLU B 19 13.65 4.25 9.83
C GLU B 19 12.45 3.49 9.32
N SER B 20 11.96 3.83 8.12
CA SER B 20 10.85 3.09 7.53
C SER B 20 11.25 1.65 7.21
N ILE B 21 12.44 1.45 6.66
CA ILE B 21 12.94 0.10 6.41
C ILE B 21 13.10 -0.66 7.74
N GLU B 22 13.66 0.00 8.74
CA GLU B 22 13.91 -0.64 10.02
C GLU B 22 12.61 -1.02 10.73
N LYS B 23 11.70 -0.05 10.89
CA LYS B 23 10.45 -0.33 11.58
C LYS B 23 9.64 -1.39 10.85
N SER B 24 9.58 -1.33 9.52
CA SER B 24 8.76 -2.27 8.78
C SER B 24 9.34 -3.68 8.82
N THR B 25 10.66 -3.81 8.61
CA THR B 25 11.23 -5.15 8.64
C THR B 25 11.24 -5.72 10.04
N GLN B 26 11.31 -4.86 11.06
CA GLN B 26 11.23 -5.35 12.44
C GLN B 26 9.84 -5.89 12.74
N TYR B 27 8.80 -5.24 12.21
CA TYR B 27 7.44 -5.75 12.35
C TYR B 27 7.28 -7.08 11.64
N MET B 28 7.77 -7.17 10.41
CA MET B 28 7.58 -8.38 9.62
C MET B 28 8.43 -9.53 10.12
N ALA B 29 9.62 -9.24 10.67
CA ALA B 29 10.48 -10.29 11.20
C ALA B 29 9.83 -10.99 12.39
N LYS B 30 9.20 -10.22 13.29
CA LYS B 30 8.53 -10.81 14.44
C LYS B 30 7.51 -11.85 14.01
N ARG B 31 6.82 -11.60 12.90
CA ARG B 31 5.73 -12.44 12.43
C ARG B 31 6.17 -13.38 11.29
N ARG B 32 7.46 -13.50 11.04
CA ARG B 32 7.99 -14.34 9.97
C ARG B 32 7.31 -14.04 8.65
N ILE B 33 7.11 -12.74 8.38
CA ILE B 33 6.50 -12.29 7.14
C ILE B 33 7.62 -12.04 6.12
N GLY B 34 7.57 -12.77 5.00
CA GLY B 34 8.59 -12.60 3.98
C GLY B 34 8.51 -11.22 3.35
N ALA B 35 9.67 -10.63 3.12
CA ALA B 35 9.73 -9.29 2.52
C ALA B 35 11.00 -9.16 1.70
N LEU B 36 11.01 -8.17 0.82
CA LEU B 36 12.08 -8.02 -0.15
C LEU B 36 12.05 -6.57 -0.63
N ILE B 37 12.94 -5.75 -0.07
CA ILE B 37 12.98 -4.32 -0.34
C ILE B 37 14.33 -4.00 -0.96
N SER B 38 14.31 -3.55 -2.21
CA SER B 38 15.51 -3.14 -2.91
C SER B 38 15.49 -1.62 -3.04
N VAL B 39 16.52 -0.97 -2.49
CA VAL B 39 16.66 0.49 -2.52
C VAL B 39 17.61 0.82 -3.66
N ALA B 40 17.09 1.42 -4.72
CA ALA B 40 17.92 1.83 -5.83
C ALA B 40 18.86 2.94 -5.41
N ARG B 41 20.04 2.98 -6.03
CA ARG B 41 20.96 4.08 -5.78
C ARG B 41 21.35 4.75 -7.09
N ASP B 42 22.64 4.75 -7.44
CA ASP B 42 23.10 5.49 -8.61
C ASP B 42 22.90 4.73 -9.91
N THR B 43 22.63 3.42 -9.86
CA THR B 43 22.56 2.64 -11.09
C THR B 43 21.28 2.94 -11.86
N GLY B 44 20.15 2.44 -11.38
CA GLY B 44 18.91 2.58 -12.11
C GLY B 44 18.25 1.24 -12.34
N MET B 45 17.03 1.07 -11.84
CA MET B 45 16.33 -0.20 -11.92
C MET B 45 14.97 -0.05 -12.59
N ASP B 46 14.88 0.87 -13.56
CA ASP B 46 13.61 1.13 -14.25
C ASP B 46 13.04 -0.15 -14.87
N ASP B 47 13.90 -0.99 -15.45
CA ASP B 47 13.42 -2.21 -16.08
C ASP B 47 12.76 -3.14 -15.08
N TYR B 48 13.24 -3.16 -13.84
CA TYR B 48 12.66 -4.02 -12.82
C TYR B 48 11.49 -3.38 -12.10
N ILE B 49 11.40 -2.04 -12.09
CA ILE B 49 10.23 -1.37 -11.55
C ILE B 49 9.00 -1.72 -12.38
N GLU B 50 9.16 -1.77 -13.70
CA GLU B 50 8.04 -2.06 -14.59
C GLU B 50 7.49 -3.46 -14.42
N THR B 51 8.30 -4.41 -13.92
CA THR B 51 7.79 -5.77 -13.73
C THR B 51 6.75 -5.87 -12.63
N GLY B 52 6.60 -4.85 -11.80
CA GLY B 52 5.71 -4.89 -10.66
C GLY B 52 4.50 -3.99 -10.82
N ILE B 53 3.81 -3.77 -9.69
CA ILE B 53 2.64 -2.91 -9.65
C ILE B 53 3.11 -1.50 -9.27
N PRO B 54 2.85 -0.50 -10.11
CA PRO B 54 3.34 0.85 -9.80
C PRO B 54 2.60 1.45 -8.62
N LEU B 55 3.36 2.03 -7.69
CA LEU B 55 2.81 2.74 -6.54
C LEU B 55 3.17 4.21 -6.54
N ASN B 56 4.45 4.54 -6.79
CA ASN B 56 4.94 5.92 -6.73
C ASN B 56 4.52 6.60 -5.42
N ALA B 57 4.67 5.86 -4.32
CA ALA B 57 4.06 6.24 -3.06
C ALA B 57 5.06 6.86 -2.10
N LYS B 58 4.55 7.70 -1.20
CA LYS B 58 5.35 8.21 -0.10
C LYS B 58 5.86 7.03 0.72
N ILE B 59 7.11 7.12 1.15
CA ILE B 59 7.71 6.05 1.94
C ILE B 59 7.20 6.13 3.37
N SER B 60 6.69 5.02 3.88
CA SER B 60 6.34 4.89 5.28
C SER B 60 6.50 3.43 5.67
N SER B 61 6.74 3.19 6.96
CA SER B 61 6.77 1.81 7.44
C SER B 61 5.40 1.15 7.31
N GLN B 62 4.33 1.91 7.57
CA GLN B 62 2.98 1.36 7.50
C GLN B 62 2.68 0.80 6.11
N LEU B 63 3.00 1.55 5.06
CA LEU B 63 2.74 1.06 3.71
C LEU B 63 3.59 -0.17 3.40
N LEU B 64 4.88 -0.15 3.77
CA LEU B 64 5.73 -1.30 3.51
C LEU B 64 5.18 -2.54 4.21
N ILE B 65 4.73 -2.39 5.45
CA ILE B 65 4.09 -3.50 6.16
C ILE B 65 2.87 -4.00 5.38
N ASN B 66 2.00 -3.08 4.97
CA ASN B 66 0.76 -3.48 4.28
C ASN B 66 1.03 -4.12 2.93
N ILE B 67 2.13 -3.75 2.27
CA ILE B 67 2.46 -4.35 0.98
C ILE B 67 2.78 -5.82 1.13
N PHE B 68 3.57 -6.18 2.13
CA PHE B 68 4.06 -7.55 2.27
C PHE B 68 3.16 -8.44 3.09
N ILE B 69 1.92 -8.04 3.34
CA ILE B 69 1.03 -8.97 4.04
C ILE B 69 0.84 -10.21 3.17
N PRO B 70 1.03 -11.42 3.70
CA PRO B 70 1.01 -12.62 2.85
C PRO B 70 -0.33 -12.80 2.14
N ASN B 71 -0.26 -13.36 0.93
CA ASN B 71 -1.42 -13.71 0.11
C ASN B 71 -2.21 -12.50 -0.36
N THR B 72 -1.57 -11.33 -0.45
CA THR B 72 -2.24 -10.15 -0.93
C THR B 72 -1.69 -9.75 -2.30
N PRO B 73 -2.44 -8.94 -3.07
CA PRO B 73 -1.99 -8.61 -4.43
C PRO B 73 -0.59 -8.00 -4.51
N LEU B 74 -0.10 -7.33 -3.47
CA LEU B 74 1.15 -6.61 -3.56
C LEU B 74 2.34 -7.35 -2.96
N HIS B 75 2.13 -8.50 -2.31
CA HIS B 75 3.21 -9.11 -1.54
C HIS B 75 4.18 -9.90 -2.41
N ASP B 76 3.73 -10.40 -3.56
CA ASP B 76 4.44 -11.46 -4.28
C ASP B 76 5.48 -10.84 -5.22
N GLY B 77 6.60 -10.45 -4.63
CA GLY B 77 7.70 -9.88 -5.37
C GLY B 77 8.44 -8.87 -4.51
N ALA B 78 9.16 -7.99 -5.18
CA ALA B 78 10.04 -7.04 -4.52
C ALA B 78 9.42 -5.64 -4.52
N VAL B 79 9.56 -4.95 -3.40
CA VAL B 79 9.37 -3.51 -3.38
C VAL B 79 10.66 -2.86 -3.85
N ILE B 80 10.55 -1.94 -4.80
CA ILE B 80 11.69 -1.16 -5.26
C ILE B 80 11.49 0.29 -4.85
N ILE B 81 12.47 0.85 -4.16
CA ILE B 81 12.43 2.23 -3.70
C ILE B 81 13.38 3.05 -4.55
N LYS B 82 12.84 4.04 -5.25
CA LYS B 82 13.60 4.91 -6.13
C LYS B 82 13.44 6.34 -5.65
N GLY B 83 14.55 7.01 -5.38
CA GLY B 83 14.47 8.32 -4.76
C GLY B 83 13.78 8.23 -3.42
N ASN B 84 12.81 9.10 -3.20
CA ASN B 84 12.05 9.14 -1.95
C ASN B 84 10.65 8.55 -2.12
N GLU B 85 10.48 7.64 -3.09
CA GLU B 85 9.20 7.00 -3.33
C GLU B 85 9.33 5.48 -3.31
N ILE B 86 8.27 4.83 -2.87
CA ILE B 86 8.09 3.40 -3.10
C ILE B 86 7.58 3.28 -4.53
N ALA B 87 8.51 2.97 -5.46
CA ALA B 87 8.18 3.03 -6.87
C ALA B 87 7.21 1.93 -7.27
N SER B 88 7.44 0.69 -6.80
CA SER B 88 6.61 -0.42 -7.22
C SER B 88 6.67 -1.53 -6.17
N ALA B 89 5.69 -2.42 -6.24
CA ALA B 89 5.66 -3.61 -5.42
C ALA B 89 5.40 -4.81 -6.33
N ALA B 90 5.69 -6.00 -5.80
CA ALA B 90 5.58 -7.25 -6.54
C ALA B 90 6.44 -7.24 -7.80
N SER B 91 7.59 -6.56 -7.74
CA SER B 91 8.47 -6.51 -8.88
C SER B 91 9.37 -7.74 -8.94
N TYR B 92 9.82 -8.06 -10.14
CA TYR B 92 10.82 -9.11 -10.35
C TYR B 92 12.21 -8.51 -10.21
N LEU B 93 13.13 -9.34 -9.72
CA LEU B 93 14.54 -9.03 -9.66
C LEU B 93 15.32 -10.19 -10.27
N PRO B 94 16.50 -9.92 -10.85
CA PRO B 94 17.31 -11.02 -11.38
C PRO B 94 17.60 -12.04 -10.28
N LEU B 95 17.58 -13.30 -10.66
CA LEU B 95 17.82 -14.40 -9.73
C LEU B 95 19.27 -14.85 -9.85
N SER B 96 20.03 -14.72 -8.77
CA SER B 96 21.43 -15.14 -8.78
C SER B 96 21.53 -16.64 -8.96
N ASP B 97 22.51 -17.06 -9.76
CA ASP B 97 22.83 -18.47 -9.94
C ASP B 97 23.88 -18.94 -8.93
N SER B 98 24.22 -18.10 -7.96
CA SER B 98 25.35 -18.39 -7.08
C SER B 98 25.17 -19.71 -6.36
N PRO B 99 26.12 -20.63 -6.43
CA PRO B 99 26.04 -21.87 -5.67
C PRO B 99 26.44 -21.72 -4.21
N PHE B 100 26.85 -20.52 -3.79
CA PHE B 100 27.34 -20.30 -2.45
C PHE B 100 26.26 -19.84 -1.49
N LEU B 101 25.12 -19.40 -2.04
CA LEU B 101 23.96 -19.09 -1.21
C LEU B 101 23.45 -20.36 -0.54
N SER B 102 23.23 -20.29 0.77
CA SER B 102 22.81 -21.46 1.53
C SER B 102 21.52 -22.04 0.96
N LYS B 103 21.48 -23.37 0.86
CA LYS B 103 20.31 -24.05 0.30
C LYS B 103 19.05 -23.75 1.11
N GLU B 104 19.20 -23.43 2.40
CA GLU B 104 18.07 -23.10 3.25
C GLU B 104 17.49 -21.72 2.94
N LEU B 105 18.16 -20.91 2.14
CA LEU B 105 17.61 -19.62 1.72
C LEU B 105 16.69 -19.82 0.52
N GLY B 106 15.73 -18.90 0.38
CA GLY B 106 14.68 -19.04 -0.60
C GLY B 106 14.90 -18.21 -1.85
N THR B 107 13.80 -17.91 -2.53
CA THR B 107 13.83 -17.18 -3.79
C THR B 107 14.06 -15.69 -3.57
N ARG B 108 13.47 -15.12 -2.51
CA ARG B 108 13.67 -13.69 -2.28
C ARG B 108 15.13 -13.38 -1.98
N HIS B 109 15.79 -14.24 -1.21
CA HIS B 109 17.22 -14.09 -1.00
C HIS B 109 17.97 -14.15 -2.32
N ARG B 110 17.65 -15.15 -3.13
CA ARG B 110 18.32 -15.31 -4.42
C ARG B 110 18.06 -14.13 -5.34
N ALA B 111 16.85 -13.58 -5.32
CA ALA B 111 16.54 -12.38 -6.09
C ALA B 111 17.24 -11.15 -5.51
N ALA B 112 17.36 -11.08 -4.19
CA ALA B 112 18.10 -10.00 -3.58
C ALA B 112 19.56 -10.02 -4.00
N LEU B 113 20.16 -11.21 -4.00
CA LEU B 113 21.53 -11.35 -4.48
C LEU B 113 21.63 -10.97 -5.95
N GLY B 114 20.68 -11.46 -6.77
CA GLY B 114 20.76 -11.23 -8.20
C GLY B 114 20.73 -9.77 -8.57
N ILE B 115 19.89 -8.97 -7.89
CA ILE B 115 19.85 -7.55 -8.20
C ILE B 115 21.14 -6.87 -7.75
N SER B 116 21.70 -7.28 -6.61
CA SER B 116 22.96 -6.72 -6.14
C SER B 116 24.10 -7.01 -7.10
N GLU B 117 24.01 -8.06 -7.89
CA GLU B 117 25.09 -8.42 -8.81
C GLU B 117 25.17 -7.50 -10.02
N VAL B 118 24.06 -6.85 -10.37
CA VAL B 118 23.98 -6.04 -11.59
C VAL B 118 23.64 -4.58 -11.30
N THR B 119 23.54 -4.19 -10.03
CA THR B 119 23.30 -2.81 -9.63
C THR B 119 24.08 -2.55 -8.36
N ASP B 120 24.20 -1.27 -8.00
CA ASP B 120 24.74 -0.88 -6.71
C ASP B 120 23.66 -0.73 -5.65
N SER B 121 22.46 -1.27 -5.90
CA SER B 121 21.35 -1.12 -4.99
C SER B 121 21.61 -1.85 -3.68
N ILE B 122 20.93 -1.41 -2.63
CA ILE B 122 20.93 -2.05 -1.32
C ILE B 122 19.57 -2.73 -1.14
N THR B 123 19.59 -4.03 -0.90
CA THR B 123 18.37 -4.82 -0.83
C THR B 123 18.27 -5.51 0.52
N ILE B 124 17.09 -5.44 1.13
CA ILE B 124 16.84 -6.00 2.44
C ILE B 124 15.85 -7.14 2.30
N VAL B 125 16.11 -8.23 3.03
CA VAL B 125 15.30 -9.44 2.97
C VAL B 125 14.87 -9.81 4.38
N VAL B 126 13.60 -10.17 4.54
CA VAL B 126 13.11 -10.79 5.76
C VAL B 126 12.67 -12.19 5.39
N SER B 127 13.22 -13.18 6.09
CA SER B 127 12.90 -14.57 5.79
C SER B 127 11.54 -14.93 6.35
N GLU B 128 10.68 -15.50 5.51
CA GLU B 128 9.40 -16.00 5.99
C GLU B 128 9.55 -17.29 6.78
N GLU B 129 10.75 -17.89 6.80
CA GLU B 129 11.02 -19.11 7.53
C GLU B 129 11.49 -18.83 8.96
N THR B 130 12.43 -17.91 9.11
CA THR B 130 13.05 -17.65 10.40
C THR B 130 12.87 -16.23 10.91
N GLY B 131 12.30 -15.33 10.11
CA GLY B 131 12.29 -13.93 10.46
C GLY B 131 13.62 -13.24 10.33
N GLY B 132 14.67 -13.97 9.92
CA GLY B 132 15.98 -13.37 9.82
C GLY B 132 16.03 -12.28 8.76
N ILE B 133 16.74 -11.21 9.08
CA ILE B 133 16.90 -10.08 8.17
C ILE B 133 18.26 -10.19 7.50
N SER B 134 18.27 -10.16 6.18
CA SER B 134 19.51 -10.27 5.41
C SER B 134 19.66 -9.08 4.48
N LEU B 135 20.90 -8.80 4.11
CA LEU B 135 21.25 -7.71 3.22
C LEU B 135 22.08 -8.24 2.06
N THR B 136 21.84 -7.71 0.86
CA THR B 136 22.71 -7.96 -0.27
C THR B 136 23.27 -6.65 -0.79
N LYS B 137 24.51 -6.71 -1.26
CA LYS B 137 25.20 -5.54 -1.80
C LYS B 137 26.40 -6.02 -2.59
N GLY B 138 26.50 -5.60 -3.85
CA GLY B 138 27.66 -5.91 -4.67
C GLY B 138 27.90 -7.39 -4.88
N GLY B 139 26.85 -8.17 -5.08
CA GLY B 139 26.98 -9.60 -5.32
C GLY B 139 27.21 -10.44 -4.09
N GLU B 140 27.10 -9.87 -2.89
CA GLU B 140 27.36 -10.59 -1.66
C GLU B 140 26.19 -10.46 -0.71
N LEU B 141 26.05 -11.43 0.18
CA LEU B 141 24.97 -11.44 1.17
C LEU B 141 25.55 -11.40 2.57
N PHE B 142 25.00 -10.51 3.40
CA PHE B 142 25.18 -10.54 4.84
C PHE B 142 23.88 -11.12 5.42
N ARG B 143 23.95 -12.33 5.98
CA ARG B 143 22.76 -13.07 6.39
C ARG B 143 22.47 -12.88 7.87
N ASP B 144 21.18 -12.78 8.20
CA ASP B 144 20.69 -12.71 9.57
C ASP B 144 21.46 -11.64 10.38
N VAL B 145 21.18 -10.41 10.01
CA VAL B 145 21.83 -9.25 10.64
C VAL B 145 21.03 -8.87 11.88
N SER B 146 21.74 -8.31 12.85
CA SER B 146 21.10 -7.77 14.04
C SER B 146 20.53 -6.37 13.76
N GLU B 147 19.70 -5.90 14.70
CA GLU B 147 19.19 -4.53 14.58
C GLU B 147 20.32 -3.52 14.55
N GLU B 148 21.35 -3.74 15.37
CA GLU B 148 22.48 -2.81 15.35
C GLU B 148 23.24 -2.90 14.04
N GLU B 149 23.41 -4.11 13.50
CA GLU B 149 24.13 -4.26 12.23
C GLU B 149 23.33 -3.69 11.06
N LEU B 150 22.01 -3.97 11.01
CA LEU B 150 21.19 -3.47 9.93
C LEU B 150 21.18 -1.95 9.88
N HIS B 151 21.11 -1.31 11.06
CA HIS B 151 21.13 0.15 11.10
C HIS B 151 22.49 0.69 10.65
N LYS B 152 23.57 0.11 11.17
CA LYS B 152 24.91 0.60 10.82
C LYS B 152 25.13 0.56 9.31
N ILE B 153 24.65 -0.49 8.66
CA ILE B 153 24.90 -0.67 7.23
C ILE B 153 23.98 0.20 6.40
N LEU B 154 22.71 0.28 6.77
CA LEU B 154 21.79 1.18 6.07
C LEU B 154 22.25 2.62 6.19
N LEU B 155 22.74 3.00 7.37
CA LEU B 155 23.29 4.34 7.55
C LEU B 155 24.48 4.58 6.61
N LYS B 156 25.43 3.65 6.58
CA LYS B 156 26.59 3.78 5.73
C LYS B 156 26.21 3.88 4.26
N GLU B 157 25.36 2.97 3.80
CA GLU B 157 25.08 2.88 2.37
C GLU B 157 24.00 3.83 1.89
N LEU B 158 23.08 4.25 2.75
CA LEU B 158 21.99 5.10 2.28
C LEU B 158 22.13 6.56 2.68
N VAL B 159 22.67 6.86 3.86
CA VAL B 159 22.97 8.25 4.21
C VAL B 159 24.31 8.61 3.60
N THR B 160 24.33 9.69 2.82
CA THR B 160 25.48 10.01 1.98
C THR B 160 26.77 10.09 2.78
N VAL B 161 26.87 11.04 3.70
CA VAL B 161 28.13 11.30 4.38
C VAL B 161 28.40 10.26 5.47
N THR B 162 27.37 9.64 6.02
CA THR B 162 27.55 8.60 7.02
C THR B 162 27.71 7.23 6.36
#